data_4QBR
#
_entry.id   4QBR
#
_cell.length_a   36.057
_cell.length_b   37.161
_cell.length_c   50.125
_cell.angle_alpha   78.70
_cell.angle_beta   83.89
_cell.angle_gamma   81.56
#
_symmetry.space_group_name_H-M   'P 1'
#
loop_
_entity.id
_entity.type
_entity.pdbx_description
1 polymer 'DNA (cytosine-5)-methyltransferase 3A'
2 polymer 'Histone H3'
3 non-polymer 'ZINC ION'
4 water water
#
loop_
_entity_poly.entity_id
_entity_poly.type
_entity_poly.pdbx_seq_one_letter_code
_entity_poly.pdbx_strand_id
1 'polypeptide(L)'
;SRERLVYEVRQKCRNIEDICISCGSLNVTLEHPLFVGGMCQNCKNCFLECAYQYDDDGYQSYCTICCGGREVLMCDNNNC
CRCFCVECVDLLVGPGAAQAAIKEDPWNCYMCGHKGTYGLLRRREDWPSRLQMFFAN
;
A,C
2 'polypeptide(L)' ARTKQTA P,E
#
# COMPACT_ATOMS: atom_id res chain seq x y z
N SER A 1 -11.10 9.81 -15.71
CA SER A 1 -9.97 9.89 -14.80
C SER A 1 -9.62 8.52 -14.20
N ARG A 2 -8.35 8.20 -14.26
CA ARG A 2 -7.82 6.92 -13.84
C ARG A 2 -8.21 6.58 -12.40
N GLU A 3 -8.15 7.59 -11.54
CA GLU A 3 -8.44 7.44 -10.12
C GLU A 3 -9.75 6.71 -9.84
N ARG A 4 -10.84 7.26 -10.38
CA ARG A 4 -12.16 6.68 -10.17
C ARG A 4 -12.34 5.30 -10.78
N LEU A 5 -11.76 5.10 -11.97
CA LEU A 5 -11.85 3.80 -12.63
C LEU A 5 -11.14 2.71 -11.80
N VAL A 6 -9.96 2.99 -11.33
CA VAL A 6 -9.27 2.07 -10.45
C VAL A 6 -10.08 1.77 -9.17
N TYR A 7 -10.70 2.79 -8.62
CA TYR A 7 -11.64 2.64 -7.51
C TYR A 7 -12.65 1.55 -7.78
N GLU A 8 -13.28 1.66 -8.92
CA GLU A 8 -14.22 0.66 -9.37
C GLU A 8 -13.66 -0.76 -9.47
N VAL A 9 -12.40 -0.84 -9.86
CA VAL A 9 -11.73 -2.11 -9.95
C VAL A 9 -11.60 -2.69 -8.59
N ARG A 10 -11.19 -1.88 -7.64
CA ARG A 10 -10.99 -2.37 -6.30
C ARG A 10 -12.32 -2.81 -5.74
N GLN A 11 -13.37 -2.14 -6.14
CA GLN A 11 -14.73 -2.43 -5.65
C GLN A 11 -15.35 -3.63 -6.36
N LYS A 12 -14.60 -4.21 -7.30
CA LYS A 12 -15.06 -5.33 -8.11
C LYS A 12 -16.31 -4.94 -8.92
N CYS A 13 -16.39 -3.67 -9.27
CA CYS A 13 -17.48 -3.16 -10.10
C CYS A 13 -17.03 -3.05 -11.54
N ARG A 14 -15.76 -3.35 -11.78
CA ARG A 14 -15.22 -3.21 -13.12
C ARG A 14 -13.94 -4.04 -13.28
N ASN A 15 -13.75 -4.61 -14.46
CA ASN A 15 -12.56 -5.41 -14.73
C ASN A 15 -11.43 -4.51 -15.19
N ILE A 16 -10.25 -4.73 -14.62
CA ILE A 16 -9.11 -3.89 -14.93
C ILE A 16 -8.69 -4.02 -16.39
N GLU A 17 -9.05 -5.13 -17.03
CA GLU A 17 -8.75 -5.31 -18.44
C GLU A 17 -9.59 -4.35 -19.30
N ASP A 18 -10.64 -3.78 -18.71
CA ASP A 18 -11.55 -2.92 -19.46
C ASP A 18 -11.29 -1.44 -19.28
N ILE A 19 -10.15 -1.10 -18.70
CA ILE A 19 -9.74 0.28 -18.57
C ILE A 19 -8.31 0.41 -19.08
N CYS A 20 -7.98 1.56 -19.66
CA CYS A 20 -6.59 1.81 -19.95
C CYS A 20 -5.89 2.11 -18.64
N ILE A 21 -4.99 1.24 -18.20
CA ILE A 21 -4.35 1.44 -16.91
C ILE A 21 -3.30 2.54 -16.98
N SER A 22 -2.99 3.00 -18.19
CA SER A 22 -2.02 4.07 -18.37
C SER A 22 -2.64 5.48 -18.28
N CYS A 23 -3.86 5.66 -18.78
CA CYS A 23 -4.44 7.01 -18.84
C CYS A 23 -5.88 7.08 -18.34
N GLY A 24 -6.54 5.93 -18.24
CA GLY A 24 -7.90 5.88 -17.73
C GLY A 24 -8.95 5.92 -18.85
N SER A 25 -8.50 5.90 -20.09
CA SER A 25 -9.42 5.85 -21.22
C SER A 25 -10.22 4.55 -21.16
N LEU A 26 -11.49 4.64 -21.52
CA LEU A 26 -12.33 3.45 -21.60
C LEU A 26 -12.25 2.82 -22.97
N ASN A 27 -11.60 3.50 -23.92
CA ASN A 27 -11.54 2.99 -25.28
C ASN A 27 -10.37 2.01 -25.42
N VAL A 28 -10.53 0.85 -24.79
CA VAL A 28 -9.47 -0.14 -24.76
C VAL A 28 -9.53 -0.99 -26.02
N THR A 29 -8.43 -1.01 -26.76
CA THR A 29 -8.36 -1.80 -27.98
C THR A 29 -7.18 -2.76 -27.97
N LEU A 30 -6.62 -2.78 -26.80
CA LEU A 30 -5.54 -3.74 -26.71
C LEU A 30 -5.04 -3.92 -25.28
N GLU A 31 -4.17 -4.99 -25.00
CA GLU A 31 -3.74 -5.26 -23.63
C GLU A 31 -2.42 -4.58 -23.34
N HIS A 32 -2.30 -4.02 -22.15
CA HIS A 32 -1.02 -3.49 -21.72
C HIS A 32 -0.01 -4.64 -21.75
N PRO A 33 1.14 -4.40 -22.36
CA PRO A 33 2.05 -5.52 -22.61
C PRO A 33 2.80 -6.03 -21.37
N LEU A 34 2.90 -5.21 -20.33
CA LEU A 34 3.70 -5.58 -19.16
C LEU A 34 2.87 -5.96 -17.92
N PHE A 35 1.72 -5.30 -17.76
CA PHE A 35 0.84 -5.52 -16.60
C PHE A 35 -0.59 -5.82 -17.02
N VAL A 36 -1.28 -6.60 -16.19
CA VAL A 36 -2.66 -6.96 -16.44
C VAL A 36 -3.51 -5.70 -16.45
N GLY A 37 -4.25 -5.49 -17.53
CA GLY A 37 -5.06 -4.29 -17.68
C GLY A 37 -5.10 -3.88 -19.14
N GLY A 38 -6.02 -2.97 -19.47
CA GLY A 38 -6.17 -2.55 -20.85
C GLY A 38 -5.24 -1.44 -21.25
N MET A 39 -5.26 -1.12 -22.53
CA MET A 39 -4.47 -0.05 -23.08
C MET A 39 -5.20 0.54 -24.29
N CYS A 40 -5.21 1.86 -24.40
CA CYS A 40 -5.82 2.54 -25.55
C CYS A 40 -4.74 2.77 -26.59
N GLN A 41 -5.13 3.17 -27.80
CA GLN A 41 -4.16 3.32 -28.87
C GLN A 41 -3.27 4.53 -28.63
N ASN A 42 -3.81 5.60 -28.05
CA ASN A 42 -2.97 6.75 -27.72
C ASN A 42 -1.75 6.33 -26.88
N CYS A 43 -2.03 5.53 -25.85
CA CYS A 43 -0.99 5.14 -24.90
C CYS A 43 -0.01 4.18 -25.52
N LYS A 44 -0.52 3.34 -26.42
CA LYS A 44 0.36 2.50 -27.23
C LYS A 44 1.33 3.39 -28.02
N ASN A 45 0.81 4.40 -28.69
CA ASN A 45 1.67 5.35 -29.40
C ASN A 45 2.69 5.99 -28.48
N CYS A 46 2.27 6.35 -27.28
CA CYS A 46 3.17 6.91 -26.29
CA CYS A 46 3.18 6.90 -26.28
C CYS A 46 4.22 5.86 -25.89
N PHE A 47 3.78 4.62 -25.67
CA PHE A 47 4.67 3.54 -25.23
C PHE A 47 5.73 3.27 -26.28
N LEU A 48 5.32 3.15 -27.53
CA LEU A 48 6.24 2.88 -28.63
C LEU A 48 7.30 3.96 -28.70
N GLU A 49 6.91 5.20 -28.41
CA GLU A 49 7.85 6.32 -28.45
C GLU A 49 8.75 6.46 -27.21
N CYS A 50 8.24 6.11 -26.04
CA CYS A 50 8.94 6.40 -24.79
C CYS A 50 9.64 5.21 -24.14
N ALA A 51 9.20 4.00 -24.49
CA ALA A 51 9.71 2.81 -23.82
C ALA A 51 11.19 2.62 -24.10
N TYR A 52 11.93 2.27 -23.06
CA TYR A 52 13.38 2.09 -23.13
C TYR A 52 14.10 3.36 -23.61
N GLN A 53 13.50 4.53 -23.40
CA GLN A 53 14.26 5.78 -23.51
C GLN A 53 14.96 6.05 -22.19
N TYR A 54 16.21 6.52 -22.26
CA TYR A 54 17.05 6.65 -21.08
C TYR A 54 17.57 8.06 -20.86
N ASP A 55 17.71 8.48 -19.60
CA ASP A 55 18.33 9.76 -19.28
C ASP A 55 19.84 9.61 -19.15
N ASP A 56 20.55 10.73 -18.94
CA ASP A 56 22.00 10.65 -18.84
C ASP A 56 22.47 10.05 -17.52
N ASP A 57 21.54 9.76 -16.60
CA ASP A 57 21.91 9.09 -15.35
C ASP A 57 22.00 7.58 -15.52
N GLY A 58 21.65 7.09 -16.70
CA GLY A 58 21.65 5.66 -16.99
C GLY A 58 20.35 4.96 -16.64
N TYR A 59 19.31 5.73 -16.31
CA TYR A 59 18.03 5.14 -15.99
C TYR A 59 16.95 5.62 -16.95
N GLN A 60 15.84 4.90 -17.01
CA GLN A 60 14.82 5.22 -17.99
C GLN A 60 14.21 6.57 -17.69
N SER A 61 13.71 7.21 -18.74
CA SER A 61 13.24 8.57 -18.70
C SER A 61 11.83 8.68 -18.11
N TYR A 62 11.01 7.67 -18.41
CA TYR A 62 9.59 7.74 -18.10
C TYR A 62 9.07 6.50 -17.41
N CYS A 63 8.02 6.72 -16.63
CA CYS A 63 7.34 5.66 -15.89
C CYS A 63 7.03 4.45 -16.78
N THR A 64 7.42 3.27 -16.34
CA THR A 64 7.13 2.04 -17.06
C THR A 64 5.63 1.83 -17.35
N ILE A 65 4.77 2.18 -16.39
CA ILE A 65 3.35 1.92 -16.57
C ILE A 65 2.69 2.96 -17.47
N CYS A 66 2.85 4.24 -17.15
CA CYS A 66 2.08 5.26 -17.85
C CYS A 66 2.88 6.02 -18.92
N CYS A 67 4.18 5.75 -19.01
CA CYS A 67 5.10 6.43 -19.95
C CYS A 67 5.18 7.91 -19.69
N GLY A 68 4.82 8.30 -18.46
CA GLY A 68 4.86 9.70 -18.08
C GLY A 68 5.41 9.89 -16.67
N GLY A 69 4.62 10.53 -15.81
CA GLY A 69 4.97 10.74 -14.42
C GLY A 69 5.74 12.02 -14.14
N ARG A 70 5.69 12.51 -12.91
CA ARG A 70 6.51 13.66 -12.57
C ARG A 70 7.63 13.32 -11.58
N GLU A 71 7.33 12.62 -10.49
CA GLU A 71 8.38 12.04 -9.65
C GLU A 71 8.42 10.52 -9.84
N VAL A 72 9.57 9.97 -10.15
CA VAL A 72 9.63 8.52 -10.41
C VAL A 72 10.64 7.83 -9.51
N LEU A 73 10.32 6.60 -9.12
CA LEU A 73 11.23 5.76 -8.36
C LEU A 73 12.06 4.95 -9.32
N MET A 74 13.36 4.81 -9.09
CA MET A 74 14.23 4.08 -10.00
C MET A 74 14.65 2.71 -9.45
N CYS A 75 14.56 1.69 -10.31
CA CYS A 75 14.92 0.33 -9.92
C CYS A 75 16.43 0.24 -9.71
N ASP A 76 16.87 -0.39 -8.64
CA ASP A 76 18.31 -0.50 -8.37
C ASP A 76 19.00 -1.59 -9.21
N ASN A 77 18.20 -2.54 -9.70
CA ASN A 77 18.70 -3.61 -10.55
C ASN A 77 19.32 -3.09 -11.85
N ASN A 78 20.63 -3.25 -11.95
CA ASN A 78 21.38 -2.75 -13.09
C ASN A 78 20.99 -3.41 -14.40
N ASN A 79 20.35 -4.58 -14.31
CA ASN A 79 19.87 -5.26 -15.50
C ASN A 79 18.52 -4.73 -15.93
N CYS A 80 17.98 -3.82 -15.13
CA CYS A 80 16.63 -3.33 -15.35
C CYS A 80 16.57 -1.82 -15.63
N CYS A 81 16.94 -1.01 -14.64
CA CYS A 81 16.95 0.45 -14.76
C CYS A 81 15.57 1.08 -15.09
N ARG A 82 14.48 0.38 -14.80
CA ARG A 82 13.15 0.97 -15.05
C ARG A 82 12.78 2.00 -13.99
N CYS A 83 11.73 2.78 -14.26
CA CYS A 83 11.21 3.65 -13.22
CA CYS A 83 11.20 3.76 -13.30
C CYS A 83 9.69 3.64 -13.20
N PHE A 84 9.13 4.05 -12.06
CA PHE A 84 7.70 4.04 -11.83
C PHE A 84 7.32 5.33 -11.12
N CYS A 85 6.32 6.04 -11.64
CA CYS A 85 5.96 7.32 -11.04
C CYS A 85 5.16 7.08 -9.76
N VAL A 86 5.24 8.06 -8.84
CA VAL A 86 4.55 7.99 -7.55
C VAL A 86 3.04 7.83 -7.76
N GLU A 87 2.51 8.47 -8.78
CA GLU A 87 1.08 8.42 -8.98
C GLU A 87 0.62 7.02 -9.38
N CYS A 88 1.30 6.36 -10.32
CA CYS A 88 0.88 5.01 -10.70
C CYS A 88 1.07 4.05 -9.53
N VAL A 89 2.16 4.22 -8.78
CA VAL A 89 2.38 3.31 -7.66
C VAL A 89 1.29 3.45 -6.58
N ASP A 90 0.96 4.68 -6.17
CA ASP A 90 -0.07 4.86 -5.15
C ASP A 90 -1.43 4.40 -5.65
N LEU A 91 -1.66 4.55 -6.95
CA LEU A 91 -2.96 4.24 -7.52
C LEU A 91 -3.15 2.74 -7.64
N LEU A 92 -2.17 2.09 -8.26
CA LEU A 92 -2.32 0.67 -8.62
C LEU A 92 -1.79 -0.28 -7.57
N VAL A 93 -0.65 0.02 -6.97
CA VAL A 93 -0.19 -0.82 -5.86
C VAL A 93 -1.09 -0.52 -4.66
N GLY A 94 -1.18 0.74 -4.27
CA GLY A 94 -2.16 1.17 -3.26
C GLY A 94 -1.68 2.40 -2.50
N PRO A 95 -2.61 3.10 -1.82
CA PRO A 95 -2.22 4.30 -1.05
C PRO A 95 -1.10 4.03 -0.06
N GLY A 96 -0.07 4.86 -0.09
CA GLY A 96 1.10 4.69 0.76
C GLY A 96 2.21 3.87 0.15
N ALA A 97 1.94 3.16 -0.92
CA ALA A 97 2.94 2.24 -1.45
C ALA A 97 4.18 2.98 -1.94
N ALA A 98 3.99 4.19 -2.48
CA ALA A 98 5.13 4.96 -2.99
C ALA A 98 6.05 5.33 -1.84
N GLN A 99 5.49 5.89 -0.77
CA GLN A 99 6.28 6.26 0.40
C GLN A 99 6.99 5.03 0.97
N ALA A 100 6.29 3.91 1.02
CA ALA A 100 6.88 2.64 1.47
C ALA A 100 8.09 2.22 0.62
N ALA A 101 8.01 2.41 -0.68
CA ALA A 101 9.06 1.97 -1.58
C ALA A 101 10.25 2.92 -1.53
N ILE A 102 9.97 4.21 -1.39
CA ILE A 102 11.01 5.22 -1.32
C ILE A 102 11.95 4.98 -0.13
N LYS A 103 11.40 4.49 0.99
CA LYS A 103 12.24 4.27 2.17
C LYS A 103 13.02 2.96 2.10
N GLU A 104 12.62 2.06 1.19
CA GLU A 104 13.30 0.79 0.96
C GLU A 104 14.66 1.02 0.27
N ASP A 105 15.74 0.40 0.76
CA ASP A 105 17.06 0.56 0.15
C ASP A 105 17.95 -0.65 0.43
N PRO A 106 18.25 -1.44 -0.62
CA PRO A 106 17.90 -1.19 -2.03
C PRO A 106 16.44 -1.49 -2.39
N TRP A 107 16.00 -0.98 -3.53
CA TRP A 107 14.65 -1.22 -4.00
C TRP A 107 14.67 -1.82 -5.39
N ASN A 108 14.01 -2.97 -5.51
CA ASN A 108 13.83 -3.57 -6.82
C ASN A 108 12.37 -3.45 -7.23
N CYS A 109 12.16 -3.10 -8.49
CA CYS A 109 10.85 -2.68 -8.97
C CYS A 109 9.92 -3.85 -9.22
N TYR A 110 8.71 -3.52 -9.69
CA TYR A 110 7.64 -4.47 -9.89
C TYR A 110 7.85 -5.35 -11.13
N MET A 111 8.81 -4.97 -11.97
CA MET A 111 9.09 -5.78 -13.15
C MET A 111 10.22 -6.76 -12.82
N CYS A 112 10.78 -6.65 -11.61
CA CYS A 112 11.87 -7.51 -11.10
C CYS A 112 11.45 -8.48 -10.01
N GLY A 113 10.53 -8.01 -9.16
CA GLY A 113 10.18 -8.74 -7.95
C GLY A 113 9.53 -10.07 -8.27
N HIS A 114 10.03 -11.13 -7.65
CA HIS A 114 9.58 -12.47 -7.98
C HIS A 114 8.09 -12.63 -7.80
N LYS A 115 7.51 -11.95 -6.81
CA LYS A 115 6.11 -12.15 -6.47
C LYS A 115 5.18 -11.79 -7.63
N GLY A 116 5.54 -10.74 -8.37
CA GLY A 116 4.85 -10.37 -9.60
C GLY A 116 3.51 -9.68 -9.45
N THR A 117 2.90 -9.81 -8.27
CA THR A 117 1.63 -9.12 -8.01
C THR A 117 1.76 -8.21 -6.81
N TYR A 118 1.45 -6.93 -7.02
CA TYR A 118 1.52 -5.94 -5.93
C TYR A 118 0.24 -5.11 -5.89
N GLY A 119 -0.70 -5.48 -5.03
CA GLY A 119 -2.00 -4.85 -5.03
C GLY A 119 -2.67 -5.15 -6.37
N LEU A 120 -3.17 -4.10 -7.03
CA LEU A 120 -3.84 -4.28 -8.32
C LEU A 120 -2.86 -4.36 -9.49
N LEU A 121 -1.58 -4.22 -9.18
CA LEU A 121 -0.53 -4.25 -10.19
C LEU A 121 -0.02 -5.68 -10.38
N ARG A 122 -0.41 -6.31 -11.48
CA ARG A 122 -0.02 -7.69 -11.70
C ARG A 122 0.81 -7.82 -12.97
N ARG A 123 2.04 -8.29 -12.82
CA ARG A 123 2.94 -8.40 -13.97
C ARG A 123 2.48 -9.58 -14.83
N ARG A 124 2.46 -9.37 -16.14
CA ARG A 124 2.09 -10.44 -17.05
C ARG A 124 3.12 -11.54 -17.03
N GLU A 125 2.64 -12.79 -17.02
CA GLU A 125 3.52 -13.94 -16.99
C GLU A 125 4.32 -14.06 -18.28
N ASP A 126 3.84 -13.42 -19.35
CA ASP A 126 4.44 -13.56 -20.66
C ASP A 126 4.87 -12.22 -21.27
N TRP A 127 5.28 -11.27 -20.44
CA TRP A 127 5.54 -9.94 -20.96
C TRP A 127 6.66 -9.85 -22.02
N PRO A 128 7.71 -10.70 -21.98
CA PRO A 128 8.67 -10.57 -23.10
C PRO A 128 8.07 -10.85 -24.47
N SER A 129 7.26 -11.89 -24.55
CA SER A 129 6.52 -12.21 -25.75
C SER A 129 5.59 -11.07 -26.14
N ARG A 130 4.82 -10.61 -25.19
CA ARG A 130 3.92 -9.51 -25.43
C ARG A 130 4.66 -8.30 -25.99
N LEU A 131 5.77 -7.98 -25.36
CA LEU A 131 6.56 -6.83 -25.73
C LEU A 131 7.02 -6.97 -27.18
N GLN A 132 7.54 -8.12 -27.49
CA GLN A 132 8.12 -8.40 -28.76
C GLN A 132 7.07 -8.18 -29.83
N MET A 133 5.85 -8.57 -29.57
CA MET A 133 4.78 -8.36 -30.50
C MET A 133 4.27 -6.95 -30.54
N PHE A 134 4.23 -6.32 -29.40
CA PHE A 134 3.94 -4.93 -29.29
C PHE A 134 4.78 -4.08 -30.23
N PHE A 135 6.03 -4.44 -30.34
CA PHE A 135 7.01 -3.71 -31.09
C PHE A 135 6.90 -3.99 -32.59
N ALA A 136 6.53 -5.21 -32.91
CA ALA A 136 6.43 -5.62 -34.31
C ALA A 136 5.13 -5.11 -34.93
N ALA B 1 14.29 3.79 -2.26
CA ALA B 1 14.47 3.93 -3.70
C ALA B 1 14.95 5.33 -4.06
N ARG B 2 15.87 5.43 -5.03
CA ARG B 2 16.25 6.73 -5.55
C ARG B 2 15.06 7.28 -6.33
N THR B 3 14.92 8.61 -6.34
CA THR B 3 13.88 9.25 -7.13
C THR B 3 14.47 10.37 -7.99
N LYS B 4 13.73 10.75 -9.02
CA LYS B 4 14.05 11.93 -9.81
C LYS B 4 12.78 12.52 -10.40
N GLN B 5 12.84 13.79 -10.78
CA GLN B 5 11.72 14.43 -11.47
C GLN B 5 11.85 14.21 -12.97
N THR B 6 10.78 13.81 -13.64
CA THR B 6 10.89 13.47 -15.06
C THR B 6 11.14 14.67 -15.95
N ALA B 7 11.90 14.43 -17.02
CA ALA B 7 12.23 15.47 -17.99
C ALA B 7 11.02 15.85 -18.85
N SER C 1 2.14 -10.84 28.14
CA SER C 1 1.37 -10.81 26.91
C SER C 1 0.50 -9.55 26.87
N ARG C 2 0.02 -9.25 25.67
CA ARG C 2 -0.58 -7.96 25.39
C ARG C 2 -1.89 -7.77 26.17
N GLU C 3 -2.70 -8.81 26.25
CA GLU C 3 -3.99 -8.75 26.89
C GLU C 3 -3.91 -8.25 28.34
N ARG C 4 -3.00 -8.83 29.13
CA ARG C 4 -2.89 -8.47 30.53
C ARG C 4 -2.35 -7.05 30.73
N LEU C 5 -1.46 -6.61 29.84
CA LEU C 5 -0.95 -5.25 29.92
C LEU C 5 -2.03 -4.22 29.56
N VAL C 6 -2.80 -4.50 28.54
CA VAL C 6 -3.92 -3.60 28.23
C VAL C 6 -4.91 -3.56 29.40
N TYR C 7 -5.15 -4.69 30.04
CA TYR C 7 -5.87 -4.74 31.33
C TYR C 7 -5.35 -3.64 32.26
N GLU C 8 -4.07 -3.70 32.54
CA GLU C 8 -3.45 -2.74 33.43
C GLU C 8 -3.62 -1.29 32.99
N VAL C 9 -3.60 -1.07 31.71
CA VAL C 9 -3.86 0.23 31.17
C VAL C 9 -5.26 0.64 31.58
N ARG C 10 -6.21 -0.23 31.40
CA ARG C 10 -7.59 0.10 31.70
C ARG C 10 -7.82 0.40 33.18
N GLN C 11 -7.08 -0.24 34.06
CA GLN C 11 -7.26 -0.06 35.49
C GLN C 11 -6.41 1.02 36.03
N LYS C 12 -5.88 1.76 35.12
CA LYS C 12 -5.00 2.86 35.42
C LYS C 12 -3.80 2.48 36.28
N CYS C 13 -3.24 1.33 36.03
CA CYS C 13 -2.05 0.81 36.71
C CYS C 13 -0.82 0.89 35.83
N ARG C 14 -1.03 1.25 34.56
CA ARG C 14 0.07 1.34 33.61
C ARG C 14 -0.33 2.30 32.48
N ASN C 15 0.64 3.03 31.93
CA ASN C 15 0.37 3.94 30.82
C ASN C 15 0.57 3.25 29.49
N ILE C 16 -0.35 3.45 28.55
CA ILE C 16 -0.26 2.77 27.28
C ILE C 16 1.01 3.15 26.51
N GLU C 17 1.59 4.32 26.78
CA GLU C 17 2.82 4.72 26.09
C GLU C 17 3.98 3.81 26.50
N ASP C 18 3.85 3.17 27.66
CA ASP C 18 4.91 2.34 28.23
C ASP C 18 4.84 0.88 27.81
N ILE C 19 3.87 0.54 26.95
CA ILE C 19 3.82 -0.81 26.39
C ILE C 19 3.88 -0.77 24.88
N CYS C 20 4.47 -1.79 24.26
CA CYS C 20 4.38 -1.89 22.82
C CYS C 20 2.97 -2.33 22.48
N ILE C 21 2.21 -1.45 21.84
CA ILE C 21 0.83 -1.79 21.54
C ILE C 21 0.73 -2.83 20.42
N SER C 22 1.83 -3.10 19.72
CA SER C 22 1.87 -4.11 18.66
C SER C 22 2.05 -5.56 19.16
N CYS C 23 2.94 -5.78 20.14
CA CYS C 23 3.20 -7.14 20.57
C CYS C 23 3.14 -7.31 22.09
N GLY C 24 3.00 -6.21 22.82
CA GLY C 24 2.97 -6.29 24.27
C GLY C 24 4.33 -6.33 24.95
N SER C 25 5.40 -6.15 24.20
CA SER C 25 6.72 -6.08 24.82
C SER C 25 6.80 -4.86 25.74
N LEU C 26 7.52 -4.98 26.85
CA LEU C 26 7.74 -3.80 27.69
C LEU C 26 9.03 -3.08 27.28
N ASN C 27 9.70 -3.61 26.27
CA ASN C 27 10.93 -2.97 25.80
C ASN C 27 10.61 -1.86 24.82
N VAL C 28 9.91 -0.84 25.29
CA VAL C 28 9.52 0.27 24.42
C VAL C 28 10.71 1.20 24.22
N THR C 29 11.01 1.51 22.97
CA THR C 29 12.08 2.44 22.68
C THR C 29 11.65 3.56 21.73
N LEU C 30 10.24 3.57 21.49
CA LEU C 30 9.88 4.58 20.52
C LEU C 30 8.37 4.67 20.38
N GLU C 31 7.83 5.75 20.03
CA GLU C 31 6.38 5.97 20.10
C GLU C 31 5.73 5.45 18.83
N HIS C 32 4.65 4.68 18.96
CA HIS C 32 3.93 4.22 17.77
C HIS C 32 3.51 5.45 16.97
N PRO C 33 3.78 5.44 15.66
CA PRO C 33 3.62 6.64 14.85
C PRO C 33 2.16 6.98 14.53
N LEU C 34 1.26 6.01 14.66
CA LEU C 34 -0.13 6.19 14.26
C LEU C 34 -1.08 6.36 15.41
N PHE C 35 -0.84 5.61 16.48
CA PHE C 35 -1.70 5.63 17.67
C PHE C 35 -0.90 5.87 18.93
N VAL C 36 -1.57 6.43 19.94
CA VAL C 36 -0.94 6.66 21.23
C VAL C 36 -0.58 5.31 21.83
N GLY C 37 0.68 5.16 22.22
CA GLY C 37 1.18 3.89 22.71
C GLY C 37 2.64 3.73 22.33
N GLY C 38 3.34 2.83 23.01
CA GLY C 38 4.74 2.60 22.70
C GLY C 38 4.93 1.57 21.61
N MET C 39 6.18 1.37 21.23
CA MET C 39 6.53 0.38 20.23
C MET C 39 7.97 -0.08 20.47
N CYS C 40 8.20 -1.38 20.35
CA CYS C 40 9.55 -1.94 20.48
C CYS C 40 10.24 -1.98 19.13
N GLN C 41 11.56 -2.22 19.13
CA GLN C 41 12.31 -2.22 17.87
C GLN C 41 11.91 -3.37 16.95
N ASN C 42 11.64 -4.54 17.54
CA ASN C 42 11.19 -5.70 16.75
C ASN C 42 9.97 -5.34 15.89
N CYS C 43 9.01 -4.66 16.50
CA CYS C 43 7.77 -4.29 15.82
C CYS C 43 7.97 -3.14 14.84
N LYS C 44 8.95 -2.29 15.12
CA LYS C 44 9.32 -1.26 14.14
C LYS C 44 9.86 -1.95 12.89
N ASN C 45 10.69 -2.97 13.09
CA ASN C 45 11.21 -3.74 11.97
C ASN C 45 10.07 -4.35 11.16
N CYS C 46 9.11 -4.93 11.86
CA CYS C 46 7.96 -5.54 11.22
CA CYS C 46 7.95 -5.53 11.23
C CYS C 46 7.13 -4.47 10.48
N PHE C 47 7.03 -3.29 11.05
CA PHE C 47 6.25 -2.20 10.48
C PHE C 47 6.86 -1.73 9.18
N LEU C 48 8.16 -1.58 9.18
CA LEU C 48 8.90 -1.11 8.03
C LEU C 48 8.75 -2.08 6.89
N GLU C 49 8.67 -3.35 7.20
CA GLU C 49 8.51 -4.37 6.21
C GLU C 49 7.10 -4.49 5.68
N CYS C 50 6.14 -4.41 6.58
CA CYS C 50 4.73 -4.69 6.35
C CYS C 50 3.83 -3.54 5.98
N ALA C 51 4.16 -2.37 6.44
CA ALA C 51 3.37 -1.21 6.20
C ALA C 51 3.11 -0.96 4.71
N TYR C 52 1.87 -0.74 4.35
CA TYR C 52 1.51 -0.40 2.97
C TYR C 52 1.89 -1.52 2.01
N GLN C 53 1.95 -2.74 2.53
CA GLN C 53 2.00 -3.94 1.70
C GLN C 53 0.58 -4.34 1.34
N TYR C 54 0.35 -4.68 0.07
CA TYR C 54 -1.00 -4.92 -0.43
C TYR C 54 -1.21 -6.35 -0.96
N ASP C 55 -2.43 -6.87 -0.81
CA ASP C 55 -2.82 -8.14 -1.44
C ASP C 55 -3.42 -7.90 -2.82
N ASP C 56 -3.75 -8.97 -3.54
CA ASP C 56 -4.30 -8.80 -4.88
C ASP C 56 -5.75 -8.30 -4.90
N ASP C 57 -6.40 -8.24 -3.74
CA ASP C 57 -7.74 -7.68 -3.62
C ASP C 57 -7.70 -6.14 -3.63
N GLY C 58 -6.49 -5.58 -3.63
CA GLY C 58 -6.28 -4.16 -3.57
C GLY C 58 -6.30 -3.55 -2.18
N TYR C 59 -6.35 -4.39 -1.15
CA TYR C 59 -6.33 -3.92 0.24
C TYR C 59 -5.07 -4.39 0.95
N GLN C 60 -4.74 -3.71 2.04
CA GLN C 60 -3.51 -4.01 2.75
C GLN C 60 -3.49 -5.42 3.31
N SER C 61 -2.28 -5.97 3.40
CA SER C 61 -2.08 -7.37 3.70
C SER C 61 -2.20 -7.61 5.21
N TYR C 62 -1.74 -6.64 5.99
CA TYR C 62 -1.59 -6.85 7.42
C TYR C 62 -2.22 -5.78 8.28
N CYS C 63 -2.62 -6.17 9.49
CA CYS C 63 -3.21 -5.27 10.47
C CYS C 63 -2.34 -4.04 10.64
N THR C 64 -2.97 -2.87 10.59
CA THR C 64 -2.24 -1.61 10.75
C THR C 64 -1.55 -1.50 12.12
N ILE C 65 -2.16 -2.09 13.15
CA ILE C 65 -1.61 -1.99 14.50
C ILE C 65 -0.50 -2.98 14.79
N CYS C 66 -0.76 -4.25 14.51
CA CYS C 66 0.16 -5.29 14.95
C CYS C 66 0.97 -5.90 13.80
N CYS C 67 0.66 -5.50 12.58
CA CYS C 67 1.34 -5.97 11.36
C CYS C 67 1.18 -7.45 11.14
N GLY C 68 0.13 -8.03 11.73
CA GLY C 68 -0.15 -9.44 11.53
C GLY C 68 -1.64 -9.66 11.42
N GLY C 69 -2.17 -10.48 12.33
CA GLY C 69 -3.59 -10.76 12.40
C GLY C 69 -3.99 -12.01 11.65
N ARG C 70 -5.11 -12.60 12.06
CA ARG C 70 -5.69 -13.74 11.34
C ARG C 70 -6.92 -13.31 10.51
N GLU C 71 -7.94 -12.75 11.18
CA GLU C 71 -9.06 -12.16 10.45
C GLU C 71 -8.96 -10.64 10.54
N VAL C 72 -8.99 -9.96 9.41
CA VAL C 72 -8.87 -8.52 9.39
C VAL C 72 -10.11 -7.88 8.78
N LEU C 73 -10.44 -6.70 9.29
CA LEU C 73 -11.51 -5.87 8.77
C LEU C 73 -10.87 -4.87 7.84
N MET C 74 -11.47 -4.63 6.69
CA MET C 74 -10.89 -3.75 5.67
C MET C 74 -11.63 -2.42 5.57
N CYS C 75 -10.89 -1.32 5.51
CA CYS C 75 -11.49 0.00 5.41
C CYS C 75 -12.14 0.19 4.03
N ASP C 76 -13.33 0.75 4.03
CA ASP C 76 -14.06 0.98 2.78
C ASP C 76 -13.58 2.23 2.00
N ASN C 77 -12.83 3.11 2.66
CA ASN C 77 -12.31 4.32 2.10
C ASN C 77 -11.19 4.02 1.16
N ASN C 78 -11.48 4.20 -0.10
CA ASN C 78 -10.60 3.92 -1.19
C ASN C 78 -9.30 4.62 -1.13
N ASN C 79 -9.33 5.71 -0.41
CA ASN C 79 -8.15 6.44 -0.16
C ASN C 79 -7.26 5.86 0.92
N CYS C 80 -7.74 4.82 1.58
CA CYS C 80 -7.13 4.28 2.76
C CYS C 80 -6.73 2.83 2.63
N CYS C 81 -7.70 1.99 2.44
CA CYS C 81 -7.43 0.58 2.20
C CYS C 81 -6.71 -0.13 3.37
N ARG C 82 -6.68 0.48 4.54
CA ARG C 82 -6.13 -0.20 5.71
C ARG C 82 -6.89 -1.45 6.17
N CYS C 83 -6.24 -2.24 7.01
CA CYS C 83 -6.98 -3.29 7.70
CA CYS C 83 -6.91 -3.36 7.67
C CYS C 83 -6.54 -3.41 9.15
N PHE C 84 -7.48 -3.91 9.97
CA PHE C 84 -7.31 -4.07 11.40
C PHE C 84 -7.78 -5.45 11.82
N CYS C 85 -6.99 -6.18 12.58
CA CYS C 85 -7.39 -7.54 12.93
C CYS C 85 -8.36 -7.53 14.10
N VAL C 86 -9.16 -8.59 14.17
CA VAL C 86 -10.18 -8.73 15.21
C VAL C 86 -9.56 -8.69 16.60
N GLU C 87 -8.44 -9.38 16.77
CA GLU C 87 -7.79 -9.38 18.08
C GLU C 87 -7.44 -7.96 18.54
N CYS C 88 -6.79 -7.18 17.68
CA CYS C 88 -6.39 -5.84 18.07
C CYS C 88 -7.62 -4.98 18.38
N VAL C 89 -8.66 -5.15 17.57
CA VAL C 89 -9.84 -4.33 17.76
C VAL C 89 -10.51 -4.65 19.09
N ASP C 90 -10.72 -5.92 19.39
CA ASP C 90 -11.39 -6.26 20.66
C ASP C 90 -10.51 -5.90 21.85
N LEU C 91 -9.19 -5.89 21.65
CA LEU C 91 -8.28 -5.61 22.77
C LEU C 91 -8.18 -4.11 23.08
N LEU C 92 -8.03 -3.31 22.03
CA LEU C 92 -7.71 -1.91 22.22
C LEU C 92 -8.94 -1.01 22.14
N VAL C 93 -9.86 -1.34 21.25
CA VAL C 93 -11.12 -0.59 21.24
C VAL C 93 -11.97 -1.12 22.38
N GLY C 94 -12.19 -2.43 22.43
CA GLY C 94 -12.79 -3.02 23.60
C GLY C 94 -13.56 -4.28 23.26
N PRO C 95 -13.91 -5.08 24.27
CA PRO C 95 -14.54 -6.35 23.86
C PRO C 95 -15.88 -6.12 23.16
N GLY C 96 -16.09 -6.85 22.07
CA GLY C 96 -17.28 -6.71 21.27
C GLY C 96 -17.12 -5.72 20.12
N ALA C 97 -16.06 -4.92 20.14
CA ALA C 97 -15.99 -3.84 19.17
C ALA C 97 -15.80 -4.37 17.74
N ALA C 98 -15.12 -5.50 17.59
CA ALA C 98 -14.92 -6.09 16.27
C ALA C 98 -16.25 -6.49 15.65
N GLN C 99 -17.07 -7.18 16.43
CA GLN C 99 -18.36 -7.66 15.92
C GLN C 99 -19.25 -6.48 15.55
N ALA C 100 -19.15 -5.42 16.34
CA ALA C 100 -19.93 -4.23 16.09
C ALA C 100 -19.48 -3.55 14.80
N ALA C 101 -18.18 -3.57 14.53
CA ALA C 101 -17.64 -2.99 13.32
C ALA C 101 -17.97 -3.86 12.10
N ILE C 102 -17.97 -5.17 12.28
CA ILE C 102 -18.20 -6.08 11.15
C ILE C 102 -19.61 -5.85 10.61
N LYS C 103 -20.49 -5.39 11.48
CA LYS C 103 -21.87 -5.06 11.16
C LYS C 103 -22.04 -3.76 10.38
N GLU C 104 -21.17 -2.79 10.60
CA GLU C 104 -21.26 -1.48 9.93
C GLU C 104 -20.99 -1.58 8.44
N ASP C 105 -21.85 -0.98 7.62
CA ASP C 105 -21.64 -0.97 6.18
C ASP C 105 -22.28 0.30 5.57
N PRO C 106 -21.45 1.24 5.10
CA PRO C 106 -19.98 1.22 4.98
C PRO C 106 -19.23 1.21 6.31
N TRP C 107 -17.97 0.78 6.31
CA TRP C 107 -17.13 0.90 7.50
C TRP C 107 -15.89 1.72 7.24
N ASN C 108 -15.74 2.80 8.01
CA ASN C 108 -14.52 3.60 8.02
C ASN C 108 -13.65 3.16 9.18
N CYS C 109 -12.37 2.89 8.91
CA CYS C 109 -11.48 2.38 9.94
C CYS C 109 -11.07 3.46 10.93
N TYR C 110 -10.32 3.05 11.95
CA TYR C 110 -9.90 3.91 13.04
C TYR C 110 -8.90 4.99 12.59
N MET C 111 -8.33 4.84 11.40
CA MET C 111 -7.46 5.89 10.89
C MET C 111 -8.27 6.92 10.10
N CYS C 112 -9.50 6.56 9.72
CA CYS C 112 -10.37 7.44 8.93
C CYS C 112 -11.46 8.11 9.71
N GLY C 113 -11.90 7.46 10.78
CA GLY C 113 -13.02 7.94 11.55
C GLY C 113 -12.73 9.33 12.08
N HIS C 114 -13.73 10.20 12.05
CA HIS C 114 -13.53 11.60 12.43
C HIS C 114 -13.33 11.79 13.93
N LYS C 115 -13.85 10.88 14.75
CA LYS C 115 -13.71 11.04 16.21
C LYS C 115 -12.26 10.85 16.68
N GLY C 116 -11.57 9.88 16.09
CA GLY C 116 -10.15 9.71 16.36
C GLY C 116 -9.78 9.02 17.66
N THR C 117 -10.77 8.72 18.49
CA THR C 117 -10.54 7.95 19.71
C THR C 117 -11.62 6.88 19.82
N TYR C 118 -11.18 5.64 19.99
CA TYR C 118 -12.08 4.50 20.07
C TYR C 118 -11.59 3.59 21.19
N GLY C 119 -12.21 3.71 22.34
CA GLY C 119 -11.69 3.05 23.53
C GLY C 119 -10.28 3.51 23.83
N LEU C 120 -9.36 2.55 23.97
CA LEU C 120 -7.97 2.86 24.29
C LEU C 120 -7.14 3.17 23.04
N LEU C 121 -7.81 3.12 21.89
CA LEU C 121 -7.17 3.41 20.60
C LEU C 121 -7.36 4.88 20.25
N ARG C 122 -6.29 5.65 20.34
CA ARG C 122 -6.34 7.08 20.08
C ARG C 122 -5.41 7.43 18.93
N ARG C 123 -5.96 7.95 17.85
CA ARG C 123 -5.13 8.25 16.69
C ARG C 123 -4.29 9.50 16.98
N ARG C 124 -3.02 9.46 16.61
CA ARG C 124 -2.14 10.62 16.78
C ARG C 124 -2.59 11.76 15.88
N GLU C 125 -2.69 12.95 16.45
CA GLU C 125 -3.07 14.14 15.70
C GLU C 125 -2.03 14.46 14.61
N ASP C 126 -0.78 14.09 14.87
CA ASP C 126 0.30 14.39 13.92
C ASP C 126 0.90 13.13 13.27
N TRP C 127 0.05 12.14 12.99
CA TRP C 127 0.55 10.87 12.47
C TRP C 127 1.25 10.99 11.09
N PRO C 128 0.79 11.89 10.19
CA PRO C 128 1.56 11.99 8.94
C PRO C 128 3.01 12.40 9.17
N SER C 129 3.24 13.34 10.07
CA SER C 129 4.60 13.76 10.37
C SER C 129 5.37 12.66 11.10
N ARG C 130 4.70 11.94 11.99
CA ARG C 130 5.39 10.89 12.73
C ARG C 130 5.83 9.77 11.79
N LEU C 131 4.97 9.48 10.82
CA LEU C 131 5.24 8.43 9.85
C LEU C 131 6.44 8.83 8.99
N GLN C 132 6.43 10.08 8.52
CA GLN C 132 7.60 10.71 7.92
C GLN C 132 8.90 10.34 8.59
N MET C 133 9.03 10.78 9.84
CA MET C 133 10.24 10.55 10.63
C MET C 133 10.52 9.07 10.79
N PHE C 134 9.45 8.29 10.92
CA PHE C 134 9.55 6.86 11.15
C PHE C 134 10.24 6.14 9.99
N PHE C 135 9.93 6.57 8.77
CA PHE C 135 10.49 5.96 7.55
C PHE C 135 11.89 6.46 7.22
N ALA C 136 12.26 7.61 7.76
CA ALA C 136 13.57 8.21 7.49
C ALA C 136 14.64 7.68 8.44
N ALA D 1 -18.35 -4.26 7.88
CA ALA D 1 -17.03 -4.23 7.25
C ALA D 1 -16.72 -5.57 6.58
N ARG D 2 -16.07 -5.50 5.42
CA ARG D 2 -15.59 -6.70 4.75
C ARG D 2 -14.46 -7.29 5.57
N THR D 3 -14.35 -8.61 5.58
CA THR D 3 -13.24 -9.24 6.25
C THR D 3 -12.54 -10.19 5.29
N LYS D 4 -11.33 -10.57 5.67
CA LYS D 4 -10.59 -11.60 4.98
C LYS D 4 -9.60 -12.21 5.96
N GLN D 5 -9.09 -13.39 5.60
CA GLN D 5 -8.02 -14.05 6.33
C GLN D 5 -6.68 -13.59 5.78
N THR D 6 -5.76 -13.23 6.67
CA THR D 6 -4.41 -12.91 6.26
C THR D 6 -3.69 -14.13 5.71
N ALA D 7 -2.88 -13.93 4.68
CA ALA D 7 -2.03 -14.99 4.15
C ALA D 7 -0.75 -15.06 4.97
#